data_4U58
#
_entry.id   4U58
#
_cell.length_a   79.160
_cell.length_b   90.630
_cell.length_c   101.030
_cell.angle_alpha   90.000
_cell.angle_beta   90.000
_cell.angle_gamma   90.000
#
_symmetry.space_group_name_H-M   'P 21 21 21'
#
loop_
_entity.id
_entity.type
_entity.pdbx_description
1 polymer 'Importin subunit alpha-1'
2 non-polymer N~2~-[4-(pyridin-3-yl)benzoyl]-L-lysinamide
3 water water
#
_entity_poly.entity_id   1
_entity_poly.type   'polypeptide(L)'
_entity_poly.pdbx_seq_one_letter_code
;GTVNWSVEDIVKGINSNNLESQLQATQAARKLLSREKQPPIDNIIRAGLIPKFVSFLGKTDCSPIQFESAWALTNIASGT
SEQTKAVVDGGAIPAFISLLASPHAHISEQAVWALGNIAGDGSAFRDLVIKHGAIDPLLALLAVPDLSTLACGYLRNLTW
TLSNLCRNKNPAPPLDAVEQILPTLVRLLHHNDPEVLADSCWAISYLTDGPNERIEMVVKKGVVPQLVKLLGATELPIVT
PALRAIGNIVTGTDEQTQKVIDAGALAVFPSLLTNPKTNIQKEATWTMSNITAGRQDQIQQVVNHGLVPFLVGVLSKADF
KTQKEAAWAITNYTSGGTVEQIVYLVHCGIIEPLMNLLSAKDTKIIQVILDAISNIFQAAEKLGETEKLSIMIEECGGLD
KIEALQRHENESVYKASLNLIEKYFS
;
_entity_poly.pdbx_strand_id   A
#
# COMPACT_ATOMS: atom_id res chain seq x y z
N GLY A 1 -12.27 -40.76 -9.94
CA GLY A 1 -10.89 -41.05 -10.27
C GLY A 1 -9.90 -40.74 -9.14
N THR A 2 -9.45 -39.48 -9.09
CA THR A 2 -8.55 -39.04 -8.02
C THR A 2 -9.26 -38.15 -6.98
N VAL A 3 -10.58 -38.32 -6.83
CA VAL A 3 -11.40 -37.40 -6.00
C VAL A 3 -11.73 -37.97 -4.60
N ASN A 4 -11.42 -37.16 -3.58
CA ASN A 4 -11.58 -37.49 -2.16
C ASN A 4 -10.81 -38.73 -1.67
N TRP A 5 -9.57 -38.89 -2.11
CA TRP A 5 -8.71 -39.93 -1.54
C TRP A 5 -8.44 -39.63 -0.09
N SER A 6 -8.21 -40.67 0.70
CA SER A 6 -7.74 -40.47 2.04
C SER A 6 -6.23 -40.19 2.02
N VAL A 7 -5.75 -39.52 3.05
CA VAL A 7 -4.33 -39.24 3.18
C VAL A 7 -3.54 -40.54 3.16
N GLU A 8 -4.12 -41.58 3.74
CA GLU A 8 -3.43 -42.87 3.83
C GLU A 8 -3.14 -43.48 2.45
N ASP A 9 -4.12 -43.40 1.56
CA ASP A 9 -3.96 -43.88 0.20
C ASP A 9 -2.92 -43.07 -0.59
N ILE A 10 -2.99 -41.74 -0.46
CA ILE A 10 -2.04 -40.85 -1.10
C ILE A 10 -0.63 -41.28 -0.73
N VAL A 11 -0.42 -41.51 0.56
CA VAL A 11 0.86 -41.98 1.05
C VAL A 11 1.24 -43.33 0.44
N LYS A 12 0.28 -44.23 0.38
CA LYS A 12 0.50 -45.57 -0.13
C LYS A 12 0.96 -45.54 -1.57
N GLY A 13 0.34 -44.69 -2.39
CA GLY A 13 0.71 -44.58 -3.79
C GLY A 13 2.00 -43.85 -4.09
N ILE A 14 2.25 -42.76 -3.37
CA ILE A 14 3.46 -41.99 -3.58
C ILE A 14 4.68 -42.81 -3.12
N ASN A 15 4.45 -43.74 -2.20
CA ASN A 15 5.51 -44.63 -1.76
C ASN A 15 5.78 -45.85 -2.64
N SER A 16 4.84 -46.22 -3.51
CA SER A 16 4.99 -47.37 -4.39
C SER A 16 6.16 -47.20 -5.36
N ASN A 17 6.65 -48.29 -5.94
CA ASN A 17 7.75 -48.17 -6.89
C ASN A 17 7.28 -48.12 -8.35
N ASN A 18 6.34 -47.21 -8.61
CA ASN A 18 5.65 -47.13 -9.87
C ASN A 18 5.35 -45.67 -10.18
N LEU A 19 6.03 -45.15 -11.20
CA LEU A 19 5.95 -43.73 -11.50
C LEU A 19 4.52 -43.30 -11.71
N GLU A 20 3.74 -44.16 -12.36
CA GLU A 20 2.35 -43.84 -12.67
C GLU A 20 1.44 -43.86 -11.44
N SER A 21 1.66 -44.82 -10.53
CA SER A 21 0.95 -44.86 -9.27
C SER A 21 1.22 -43.58 -8.49
N GLN A 22 2.46 -43.13 -8.57
CA GLN A 22 2.88 -41.92 -7.90
C GLN A 22 2.20 -40.71 -8.50
N LEU A 23 2.21 -40.61 -9.83
CA LEU A 23 1.58 -39.51 -10.52
C LEU A 23 0.12 -39.39 -10.10
N GLN A 24 -0.54 -40.54 -10.05
CA GLN A 24 -1.95 -40.64 -9.74
C GLN A 24 -2.23 -40.24 -8.28
N ALA A 25 -1.37 -40.65 -7.37
CA ALA A 25 -1.51 -40.24 -5.97
C ALA A 25 -1.18 -38.75 -5.77
N THR A 26 -0.29 -38.22 -6.62
CA THR A 26 0.13 -36.83 -6.47
C THR A 26 -1.00 -35.93 -6.93
N GLN A 27 -1.68 -36.34 -7.99
CA GLN A 27 -2.85 -35.60 -8.44
C GLN A 27 -3.95 -35.66 -7.39
N ALA A 28 -4.17 -36.85 -6.83
CA ALA A 28 -5.09 -37.01 -5.72
C ALA A 28 -4.81 -36.00 -4.61
N ALA A 29 -3.53 -35.90 -4.23
CA ALA A 29 -3.13 -34.97 -3.19
C ALA A 29 -3.44 -33.52 -3.56
N ARG A 30 -3.15 -33.15 -4.80
CA ARG A 30 -3.44 -31.80 -5.28
C ARG A 30 -4.92 -31.47 -5.21
N LYS A 31 -5.81 -32.42 -5.52
CA LYS A 31 -7.24 -32.14 -5.51
C LYS A 31 -7.72 -31.98 -4.07
N LEU A 32 -7.24 -32.84 -3.18
CA LEU A 32 -7.46 -32.71 -1.75
C LEU A 32 -6.98 -31.34 -1.24
N LEU A 33 -5.77 -30.97 -1.61
CA LEU A 33 -5.22 -29.69 -1.17
C LEU A 33 -5.96 -28.51 -1.77
N SER A 34 -6.67 -28.74 -2.87
CA SER A 34 -7.42 -27.67 -3.57
C SER A 34 -8.85 -27.47 -3.08
N ARG A 35 -9.31 -28.33 -2.18
CA ARG A 35 -10.68 -28.23 -1.68
C ARG A 35 -10.82 -26.95 -0.87
N GLU A 36 -12.02 -26.37 -0.87
CA GLU A 36 -12.21 -25.01 -0.36
C GLU A 36 -12.42 -24.93 1.16
N LYS A 37 -13.16 -25.87 1.72
CA LYS A 37 -13.39 -25.83 3.15
C LYS A 37 -12.33 -26.67 3.83
N GLN A 38 -11.51 -26.02 4.65
CA GLN A 38 -10.52 -26.68 5.51
C GLN A 38 -9.66 -27.73 4.82
N PRO A 39 -8.87 -27.34 3.81
CA PRO A 39 -7.98 -28.33 3.18
C PRO A 39 -6.95 -28.83 4.16
N PRO A 40 -6.74 -30.16 4.22
CA PRO A 40 -5.91 -30.84 5.22
C PRO A 40 -4.40 -30.64 5.03
N ILE A 41 -3.97 -29.39 4.87
CA ILE A 41 -2.57 -29.07 4.69
C ILE A 41 -1.67 -29.68 5.77
N ASP A 42 -2.03 -29.52 7.04
CA ASP A 42 -1.13 -29.98 8.08
C ASP A 42 -1.04 -31.51 8.10
N ASN A 43 -2.12 -32.18 7.71
CA ASN A 43 -2.09 -33.63 7.63
C ASN A 43 -1.19 -34.13 6.52
N ILE A 44 -1.21 -33.42 5.39
CA ILE A 44 -0.26 -33.69 4.34
C ILE A 44 1.19 -33.51 4.81
N ILE A 45 1.47 -32.37 5.48
CA ILE A 45 2.82 -32.07 5.96
C ILE A 45 3.28 -33.12 6.96
N ARG A 46 2.37 -33.59 7.81
CA ARG A 46 2.73 -34.54 8.85
C ARG A 46 3.11 -35.89 8.26
N ALA A 47 2.47 -36.26 7.14
CA ALA A 47 2.73 -37.54 6.48
C ALA A 47 4.08 -37.58 5.77
N GLY A 48 4.81 -36.46 5.79
CA GLY A 48 6.15 -36.41 5.23
C GLY A 48 6.18 -36.26 3.72
N LEU A 49 5.09 -35.73 3.14
CA LEU A 49 4.93 -35.75 1.69
C LEU A 49 5.66 -34.62 0.95
N ILE A 50 6.03 -33.55 1.65
CA ILE A 50 6.70 -32.40 1.02
C ILE A 50 8.05 -32.77 0.38
N PRO A 51 8.91 -33.54 1.09
CA PRO A 51 10.17 -33.92 0.40
C PRO A 51 9.93 -34.73 -0.87
N LYS A 52 8.87 -35.52 -0.86
CA LYS A 52 8.55 -36.36 -2.01
C LYS A 52 8.07 -35.51 -3.17
N PHE A 53 7.20 -34.56 -2.84
CA PHE A 53 6.74 -33.57 -3.80
C PHE A 53 7.90 -32.83 -4.41
N VAL A 54 8.80 -32.36 -3.55
CA VAL A 54 9.93 -31.60 -4.04
C VAL A 54 10.78 -32.44 -5.00
N SER A 55 10.86 -33.75 -4.77
CA SER A 55 11.67 -34.57 -5.67
C SER A 55 10.99 -34.68 -7.05
N PHE A 56 9.67 -34.73 -7.08
CA PHE A 56 8.92 -34.83 -8.34
C PHE A 56 9.07 -33.57 -9.22
N LEU A 57 9.39 -32.44 -8.59
CA LEU A 57 9.72 -31.23 -9.34
C LEU A 57 10.88 -31.43 -10.32
N GLY A 58 11.85 -32.29 -9.95
CA GLY A 58 12.96 -32.60 -10.83
C GLY A 58 12.71 -33.65 -11.92
N LYS A 59 11.59 -34.37 -11.90
CA LYS A 59 11.36 -35.41 -12.92
C LYS A 59 11.00 -34.78 -14.27
N THR A 60 12.03 -34.34 -14.98
CA THR A 60 11.84 -33.66 -16.28
C THR A 60 11.20 -34.60 -17.29
N ASP A 61 11.52 -35.88 -17.12
CA ASP A 61 10.99 -36.94 -17.96
C ASP A 61 9.47 -37.13 -17.80
N CYS A 62 8.94 -36.75 -16.63
CA CYS A 62 7.50 -36.86 -16.38
C CYS A 62 6.87 -35.49 -16.02
N SER A 63 6.69 -34.70 -17.07
CA SER A 63 5.99 -33.42 -17.04
C SER A 63 4.69 -33.37 -16.20
N PRO A 64 3.82 -34.39 -16.28
CA PRO A 64 2.60 -34.23 -15.49
C PRO A 64 2.78 -34.33 -13.97
N ILE A 65 3.74 -35.13 -13.51
CA ILE A 65 3.96 -35.19 -12.07
C ILE A 65 4.64 -33.90 -11.58
N GLN A 66 5.40 -33.25 -12.46
CA GLN A 66 6.00 -31.96 -12.16
C GLN A 66 4.90 -30.94 -11.87
N PHE A 67 3.95 -30.84 -12.79
CA PHE A 67 2.82 -29.95 -12.66
C PHE A 67 1.99 -30.25 -11.42
N GLU A 68 1.66 -31.51 -11.20
CA GLU A 68 0.81 -31.87 -10.07
C GLU A 68 1.48 -31.61 -8.71
N SER A 69 2.75 -32.00 -8.58
CA SER A 69 3.42 -31.77 -7.31
C SER A 69 3.68 -30.27 -7.13
N ALA A 70 3.82 -29.56 -8.25
CA ALA A 70 4.03 -28.10 -8.17
C ALA A 70 2.79 -27.43 -7.61
N TRP A 71 1.65 -27.90 -8.07
CA TRP A 71 0.39 -27.35 -7.68
C TRP A 71 0.10 -27.72 -6.22
N ALA A 72 0.39 -28.96 -5.86
CA ALA A 72 0.22 -29.39 -4.48
C ALA A 72 1.03 -28.49 -3.55
N LEU A 73 2.34 -28.42 -3.79
CA LEU A 73 3.24 -27.57 -3.05
C LEU A 73 2.74 -26.13 -2.95
N THR A 74 2.32 -25.60 -4.09
CA THR A 74 1.76 -24.26 -4.16
C THR A 74 0.61 -24.06 -3.18
N ASN A 75 -0.32 -25.02 -3.16
CA ASN A 75 -1.44 -24.96 -2.22
C ASN A 75 -0.96 -24.88 -0.77
N ILE A 76 0.01 -25.70 -0.41
CA ILE A 76 0.59 -25.63 0.93
C ILE A 76 1.30 -24.29 1.18
N ALA A 77 2.13 -23.87 0.22
CA ALA A 77 2.89 -22.63 0.36
C ALA A 77 1.99 -21.41 0.53
N SER A 78 0.74 -21.52 0.10
CA SER A 78 -0.22 -20.43 0.23
C SER A 78 -0.92 -20.41 1.59
N GLY A 79 -0.44 -21.19 2.56
CA GLY A 79 -1.08 -21.23 3.86
C GLY A 79 -0.38 -20.36 4.89
N THR A 80 -0.27 -20.85 6.11
CA THR A 80 0.38 -20.10 7.18
C THR A 80 1.88 -19.93 6.91
N SER A 81 2.54 -19.15 7.74
CA SER A 81 3.99 -19.10 7.67
C SER A 81 4.62 -20.44 7.97
N GLU A 82 4.08 -21.13 8.96
CA GLU A 82 4.71 -22.38 9.41
C GLU A 82 4.66 -23.36 8.24
N GLN A 83 3.54 -23.32 7.54
CA GLN A 83 3.31 -24.12 6.38
C GLN A 83 4.21 -23.73 5.19
N THR A 84 4.31 -22.43 4.94
CA THR A 84 5.22 -21.93 3.90
C THR A 84 6.66 -22.35 4.21
N LYS A 85 7.02 -22.28 5.50
CA LYS A 85 8.32 -22.69 5.98
C LYS A 85 8.62 -24.16 5.67
N ALA A 86 7.63 -25.03 5.89
CA ALA A 86 7.81 -26.45 5.62
C ALA A 86 8.17 -26.69 4.15
N VAL A 87 7.59 -25.87 3.26
CA VAL A 87 7.84 -25.97 1.83
C VAL A 87 9.25 -25.52 1.51
N VAL A 88 9.63 -24.36 2.04
CA VAL A 88 10.99 -23.86 1.93
C VAL A 88 11.99 -24.86 2.54
N ASP A 89 11.62 -25.44 3.68
CA ASP A 89 12.50 -26.40 4.33
C ASP A 89 12.71 -27.65 3.52
N GLY A 90 11.71 -28.05 2.74
CA GLY A 90 11.87 -29.18 1.82
C GLY A 90 12.80 -28.90 0.65
N GLY A 91 13.17 -27.63 0.45
CA GLY A 91 14.14 -27.30 -0.57
C GLY A 91 13.47 -26.91 -1.88
N ALA A 92 12.21 -26.49 -1.77
CA ALA A 92 11.40 -26.16 -2.93
C ALA A 92 11.92 -24.97 -3.73
N ILE A 93 12.63 -24.04 -3.09
CA ILE A 93 12.96 -22.77 -3.75
C ILE A 93 13.88 -22.96 -4.99
N PRO A 94 15.07 -23.61 -4.85
CA PRO A 94 15.83 -23.75 -6.11
C PRO A 94 15.13 -24.66 -7.14
N ALA A 95 14.35 -25.62 -6.65
CA ALA A 95 13.63 -26.52 -7.56
C ALA A 95 12.56 -25.77 -8.35
N PHE A 96 11.81 -24.90 -7.70
CA PHE A 96 10.85 -24.04 -8.40
C PHE A 96 11.51 -23.07 -9.38
N ILE A 97 12.70 -22.57 -9.03
CA ILE A 97 13.38 -21.64 -9.92
C ILE A 97 13.79 -22.37 -11.19
N SER A 98 14.24 -23.60 -11.03
CA SER A 98 14.59 -24.42 -12.19
C SER A 98 13.39 -24.64 -13.09
N LEU A 99 12.19 -24.61 -12.55
CA LEU A 99 11.01 -24.87 -13.35
C LEU A 99 10.54 -23.67 -14.13
N LEU A 100 11.10 -22.50 -13.85
CA LEU A 100 10.67 -21.30 -14.56
C LEU A 100 10.93 -21.43 -16.07
N ALA A 101 11.97 -22.18 -16.42
CA ALA A 101 12.34 -22.37 -17.82
C ALA A 101 11.70 -23.63 -18.43
N SER A 102 10.70 -24.21 -17.76
CA SER A 102 10.00 -25.35 -18.32
C SER A 102 9.32 -25.01 -19.65
N PRO A 103 9.49 -25.88 -20.66
CA PRO A 103 8.81 -25.73 -21.95
C PRO A 103 7.28 -25.68 -21.85
N HIS A 104 6.71 -26.29 -20.81
CA HIS A 104 5.25 -26.28 -20.60
C HIS A 104 4.83 -25.03 -19.83
N ALA A 105 4.01 -24.20 -20.44
CA ALA A 105 3.69 -22.90 -19.86
C ALA A 105 2.87 -23.05 -18.57
N HIS A 106 2.12 -24.13 -18.49
CA HIS A 106 1.33 -24.40 -17.31
C HIS A 106 2.26 -24.64 -16.15
N ILE A 107 3.35 -25.35 -16.38
CA ILE A 107 4.28 -25.68 -15.31
C ILE A 107 5.07 -24.46 -14.84
N SER A 108 5.63 -23.72 -15.78
CA SER A 108 6.36 -22.51 -15.45
C SER A 108 5.51 -21.47 -14.72
N GLU A 109 4.25 -21.36 -15.11
CA GLU A 109 3.34 -20.44 -14.45
C GLU A 109 3.13 -20.86 -12.99
N GLN A 110 2.97 -22.16 -12.79
CA GLN A 110 2.80 -22.73 -11.47
C GLN A 110 4.00 -22.44 -10.55
N ALA A 111 5.19 -22.42 -11.13
CA ALA A 111 6.38 -22.08 -10.37
C ALA A 111 6.39 -20.60 -9.98
N VAL A 112 5.99 -19.74 -10.93
CA VAL A 112 5.85 -18.32 -10.69
C VAL A 112 4.95 -18.05 -9.50
N TRP A 113 3.76 -18.65 -9.52
CA TRP A 113 2.80 -18.50 -8.45
C TRP A 113 3.36 -19.00 -7.12
N ALA A 114 4.13 -20.08 -7.13
CA ALA A 114 4.67 -20.66 -5.90
C ALA A 114 5.77 -19.78 -5.28
N LEU A 115 6.63 -19.22 -6.13
CA LEU A 115 7.65 -18.28 -5.69
C LEU A 115 7.03 -17.01 -5.17
N GLY A 116 5.92 -16.60 -5.78
CA GLY A 116 5.12 -15.52 -5.26
C GLY A 116 4.69 -15.71 -3.82
N ASN A 117 4.14 -16.88 -3.49
CA ASN A 117 3.66 -17.11 -2.13
C ASN A 117 4.80 -17.22 -1.14
N ILE A 118 5.93 -17.74 -1.58
CA ILE A 118 7.04 -17.88 -0.66
C ILE A 118 7.66 -16.50 -0.34
N ALA A 119 8.01 -15.72 -1.36
CA ALA A 119 8.51 -14.35 -1.15
C ALA A 119 7.52 -13.48 -0.38
N GLY A 120 6.23 -13.62 -0.67
CA GLY A 120 5.21 -12.83 0.00
C GLY A 120 5.05 -13.12 1.49
N ASP A 121 5.61 -14.24 1.96
CA ASP A 121 5.44 -14.60 3.36
C ASP A 121 6.12 -13.61 4.32
N GLY A 122 7.22 -13.00 3.88
CA GLY A 122 7.99 -12.15 4.76
C GLY A 122 9.37 -11.81 4.19
N SER A 123 9.99 -10.80 4.78
CA SER A 123 11.30 -10.29 4.37
C SER A 123 12.36 -11.36 4.18
N ALA A 124 12.49 -12.25 5.15
CA ALA A 124 13.58 -13.22 5.13
C ALA A 124 13.46 -14.16 3.92
N PHE A 125 12.25 -14.67 3.66
CA PHE A 125 12.03 -15.55 2.51
C PHE A 125 12.14 -14.80 1.18
N ARG A 126 11.70 -13.54 1.17
CA ARG A 126 11.79 -12.68 0.00
C ARG A 126 13.23 -12.60 -0.43
N ASP A 127 14.08 -12.23 0.53
CA ASP A 127 15.50 -12.09 0.27
C ASP A 127 16.17 -13.45 0.00
N LEU A 128 15.60 -14.54 0.52
CA LEU A 128 16.11 -15.87 0.20
C LEU A 128 15.76 -16.31 -1.23
N VAL A 129 14.57 -15.95 -1.68
CA VAL A 129 14.18 -16.21 -3.06
C VAL A 129 15.12 -15.45 -4.00
N ILE A 130 15.45 -14.22 -3.63
CA ILE A 130 16.27 -13.38 -4.45
C ILE A 130 17.70 -13.94 -4.52
N LYS A 131 18.23 -14.37 -3.38
CA LYS A 131 19.57 -14.97 -3.36
C LYS A 131 19.70 -16.23 -4.23
N HIS A 132 18.69 -17.11 -4.18
CA HIS A 132 18.68 -18.28 -5.05
C HIS A 132 18.58 -17.95 -6.54
N GLY A 133 18.40 -16.68 -6.88
CA GLY A 133 18.49 -16.22 -8.25
C GLY A 133 17.19 -16.10 -9.05
N ALA A 134 16.08 -15.85 -8.37
CA ALA A 134 14.78 -15.88 -9.07
C ALA A 134 14.55 -14.75 -10.07
N ILE A 135 15.13 -13.60 -9.81
CA ILE A 135 14.74 -12.39 -10.52
C ILE A 135 15.01 -12.47 -12.02
N ASP A 136 16.20 -12.91 -12.43
CA ASP A 136 16.51 -12.98 -13.86
C ASP A 136 15.56 -13.88 -14.65
N PRO A 137 15.32 -15.14 -14.20
CA PRO A 137 14.41 -15.92 -15.04
C PRO A 137 12.98 -15.43 -14.98
N LEU A 138 12.57 -14.83 -13.86
CA LEU A 138 11.25 -14.21 -13.84
C LEU A 138 11.16 -13.07 -14.86
N LEU A 139 12.20 -12.24 -14.94
CA LEU A 139 12.19 -11.10 -15.84
C LEU A 139 12.28 -11.58 -17.29
N ALA A 140 13.01 -12.66 -17.51
CA ALA A 140 13.20 -13.20 -18.86
C ALA A 140 11.88 -13.64 -19.48
N LEU A 141 10.95 -14.14 -18.64
CA LEU A 141 9.61 -14.53 -19.09
C LEU A 141 8.77 -13.38 -19.67
N LEU A 142 9.14 -12.15 -19.32
CA LEU A 142 8.45 -10.97 -19.85
C LEU A 142 9.26 -10.25 -20.93
N ALA A 143 10.30 -10.89 -21.44
CA ALA A 143 11.10 -10.31 -22.51
C ALA A 143 10.51 -10.61 -23.90
N VAL A 144 9.39 -9.96 -24.20
CA VAL A 144 8.74 -10.08 -25.49
C VAL A 144 8.57 -8.67 -26.03
N PRO A 145 8.41 -8.52 -27.35
CA PRO A 145 8.27 -7.16 -27.89
C PRO A 145 7.00 -6.49 -27.40
N ASP A 146 5.92 -7.26 -27.37
CA ASP A 146 4.63 -6.77 -26.96
C ASP A 146 4.00 -7.67 -25.91
N LEU A 147 3.78 -7.09 -24.72
CA LEU A 147 3.15 -7.81 -23.61
C LEU A 147 1.79 -8.38 -23.95
N SER A 148 1.18 -7.90 -25.02
CA SER A 148 -0.16 -8.35 -25.41
C SER A 148 -0.25 -9.78 -25.97
N THR A 149 0.90 -10.34 -26.33
CA THR A 149 0.99 -11.70 -26.86
C THR A 149 0.97 -12.74 -25.75
N LEU A 150 1.29 -12.30 -24.55
CA LEU A 150 1.35 -13.22 -23.43
C LEU A 150 -0.07 -13.53 -22.96
N ALA A 151 -0.27 -14.74 -22.45
CA ALA A 151 -1.58 -15.13 -21.94
C ALA A 151 -1.97 -14.23 -20.77
N CYS A 152 -3.22 -13.81 -20.77
CA CYS A 152 -3.73 -12.88 -19.78
C CYS A 152 -3.45 -13.29 -18.31
N GLY A 153 -3.83 -14.52 -17.96
CA GLY A 153 -3.61 -15.03 -16.61
C GLY A 153 -2.13 -15.26 -16.31
N TYR A 154 -1.39 -15.64 -17.33
CA TYR A 154 0.05 -15.83 -17.19
C TYR A 154 0.72 -14.51 -16.75
N LEU A 155 0.31 -13.42 -17.38
CA LEU A 155 0.90 -12.10 -17.15
C LEU A 155 0.47 -11.53 -15.81
N ARG A 156 -0.76 -11.84 -15.39
CA ARG A 156 -1.21 -11.39 -14.08
C ARG A 156 -0.40 -12.07 -12.99
N ASN A 157 0.00 -13.31 -13.21
CA ASN A 157 0.73 -14.04 -12.19
C ASN A 157 2.13 -13.50 -11.99
N LEU A 158 2.81 -13.26 -13.10
CA LEU A 158 4.12 -12.65 -13.06
C LEU A 158 4.08 -11.29 -12.39
N THR A 159 3.10 -10.45 -12.71
CA THR A 159 3.08 -9.11 -12.13
C THR A 159 2.89 -9.23 -10.62
N TRP A 160 2.01 -10.14 -10.23
CA TRP A 160 1.71 -10.36 -8.81
C TRP A 160 2.93 -10.83 -8.04
N THR A 161 3.68 -11.77 -8.62
CA THR A 161 4.88 -12.28 -7.96
C THR A 161 5.95 -11.19 -7.87
N LEU A 162 6.08 -10.39 -8.92
CA LEU A 162 7.04 -9.30 -8.89
C LEU A 162 6.72 -8.35 -7.75
N SER A 163 5.43 -8.12 -7.51
CA SER A 163 5.05 -7.17 -6.48
C SER A 163 5.34 -7.75 -5.10
N ASN A 164 5.40 -9.08 -4.98
CA ASN A 164 5.74 -9.62 -3.65
C ASN A 164 7.24 -9.57 -3.39
N LEU A 165 8.04 -9.62 -4.45
CA LEU A 165 9.47 -9.33 -4.33
C LEU A 165 9.77 -7.86 -4.00
N CYS A 166 8.78 -7.00 -4.18
CA CYS A 166 8.90 -5.61 -3.73
C CYS A 166 8.29 -5.33 -2.37
N ARG A 167 7.69 -6.33 -1.73
CA ARG A 167 6.62 -6.04 -0.76
C ARG A 167 6.96 -5.68 0.70
N ASN A 168 7.85 -6.37 1.38
CA ASN A 168 7.86 -6.08 2.82
C ASN A 168 8.89 -5.06 3.28
N LYS A 169 9.03 -4.89 4.59
CA LYS A 169 10.03 -3.99 5.15
C LYS A 169 10.77 -4.63 6.32
N ASN A 170 11.67 -3.85 6.92
CA ASN A 170 12.57 -4.33 7.97
C ASN A 170 13.20 -5.70 7.69
N PRO A 171 14.10 -5.75 6.71
CA PRO A 171 14.52 -4.65 5.86
C PRO A 171 13.67 -4.58 4.59
N ALA A 172 13.72 -3.43 3.93
CA ALA A 172 13.17 -3.25 2.61
C ALA A 172 13.98 -4.12 1.65
N PRO A 173 13.48 -4.37 0.43
CA PRO A 173 14.25 -5.29 -0.43
C PRO A 173 15.64 -4.72 -0.76
N PRO A 174 16.58 -5.57 -1.18
CA PRO A 174 17.92 -5.10 -1.57
C PRO A 174 17.86 -4.01 -2.63
N LEU A 175 18.61 -2.93 -2.48
CA LEU A 175 18.63 -1.87 -3.50
C LEU A 175 18.89 -2.43 -4.91
N ASP A 176 19.92 -3.26 -5.01
CA ASP A 176 20.32 -3.94 -6.25
CA ASP A 176 20.31 -3.92 -6.27
C ASP A 176 19.18 -4.72 -6.91
N ALA A 177 18.31 -5.31 -6.09
CA ALA A 177 17.17 -6.06 -6.62
C ALA A 177 16.04 -5.13 -7.12
N VAL A 178 15.75 -4.09 -6.34
CA VAL A 178 14.78 -3.07 -6.71
C VAL A 178 15.17 -2.44 -8.06
N GLU A 179 16.44 -2.05 -8.21
CA GLU A 179 16.93 -1.46 -9.47
C GLU A 179 16.80 -2.41 -10.65
N GLN A 180 16.78 -3.71 -10.38
CA GLN A 180 16.72 -4.67 -11.45
C GLN A 180 15.32 -4.92 -11.96
N ILE A 181 14.37 -4.87 -11.04
CA ILE A 181 12.97 -5.10 -11.35
C ILE A 181 12.26 -3.86 -11.88
N LEU A 182 12.73 -2.68 -11.46
CA LEU A 182 12.03 -1.43 -11.76
C LEU A 182 11.73 -1.15 -13.24
N PRO A 183 12.71 -1.38 -14.16
CA PRO A 183 12.40 -1.11 -15.57
C PRO A 183 11.21 -1.92 -16.10
N THR A 184 11.06 -3.15 -15.63
CA THR A 184 9.99 -4.01 -16.09
C THR A 184 8.71 -3.56 -15.43
N LEU A 185 8.83 -3.04 -14.21
CA LEU A 185 7.67 -2.52 -13.50
C LEU A 185 7.11 -1.29 -14.21
N VAL A 186 7.99 -0.38 -14.63
CA VAL A 186 7.57 0.78 -15.40
C VAL A 186 6.76 0.32 -16.62
N ARG A 187 7.24 -0.73 -17.28
CA ARG A 187 6.57 -1.23 -18.47
C ARG A 187 5.17 -1.83 -18.19
N LEU A 188 5.05 -2.59 -17.11
CA LEU A 188 3.78 -3.19 -16.73
C LEU A 188 2.76 -2.14 -16.32
N LEU A 189 3.28 -1.02 -15.87
CA LEU A 189 2.48 0.10 -15.41
C LEU A 189 1.78 0.72 -16.60
N HIS A 190 2.24 0.38 -17.79
CA HIS A 190 1.65 0.88 -19.03
C HIS A 190 0.85 -0.16 -19.77
N HIS A 191 0.71 -1.35 -19.19
CA HIS A 191 0.00 -2.41 -19.87
C HIS A 191 -1.51 -2.29 -19.70
N ASN A 192 -2.25 -2.69 -20.72
CA ASN A 192 -3.69 -2.50 -20.75
C ASN A 192 -4.47 -3.67 -20.19
N ASP A 193 -4.35 -3.88 -18.89
CA ASP A 193 -5.19 -4.84 -18.16
C ASP A 193 -5.36 -4.34 -16.74
N PRO A 194 -6.61 -4.29 -16.28
CA PRO A 194 -6.80 -3.65 -14.98
C PRO A 194 -6.02 -4.33 -13.85
N GLU A 195 -5.96 -5.66 -13.85
CA GLU A 195 -5.28 -6.37 -12.77
C GLU A 195 -3.77 -6.13 -12.77
N VAL A 196 -3.13 -6.22 -13.94
CA VAL A 196 -1.73 -5.91 -14.08
C VAL A 196 -1.45 -4.49 -13.59
N LEU A 197 -2.33 -3.55 -13.92
CA LEU A 197 -2.16 -2.18 -13.46
C LEU A 197 -2.24 -2.05 -11.94
N ALA A 198 -3.23 -2.70 -11.33
CA ALA A 198 -3.39 -2.66 -9.88
C ALA A 198 -2.17 -3.22 -9.18
N ASP A 199 -1.72 -4.40 -9.63
CA ASP A 199 -0.57 -5.07 -9.05
C ASP A 199 0.71 -4.24 -9.23
N SER A 200 0.82 -3.55 -10.37
CA SER A 200 1.98 -2.73 -10.64
C SER A 200 1.99 -1.55 -9.69
N CYS A 201 0.82 -0.95 -9.50
CA CYS A 201 0.64 0.13 -8.55
C CYS A 201 0.96 -0.30 -7.14
N TRP A 202 0.50 -1.49 -6.74
CA TRP A 202 0.85 -1.98 -5.39
C TRP A 202 2.37 -2.10 -5.24
N ALA A 203 3.03 -2.69 -6.24
CA ALA A 203 4.49 -2.80 -6.22
C ALA A 203 5.12 -1.42 -6.02
N ILE A 204 4.79 -0.44 -6.86
CA ILE A 204 5.30 0.92 -6.70
C ILE A 204 4.99 1.49 -5.31
N SER A 205 3.83 1.20 -4.77
CA SER A 205 3.50 1.75 -3.47
C SER A 205 4.35 1.10 -2.36
N TYR A 206 4.81 -0.13 -2.59
CA TYR A 206 5.75 -0.78 -1.66
C TYR A 206 7.13 -0.14 -1.76
N LEU A 207 7.57 0.11 -2.99
CA LEU A 207 8.87 0.68 -3.20
C LEU A 207 8.94 2.13 -2.77
N THR A 208 7.81 2.85 -2.78
CA THR A 208 7.81 4.26 -2.32
C THR A 208 7.57 4.42 -0.82
N ASP A 209 7.28 3.31 -0.13
CA ASP A 209 7.13 3.33 1.32
C ASP A 209 8.48 3.19 2.01
N GLY A 210 9.05 4.31 2.46
CA GLY A 210 10.37 4.32 3.10
C GLY A 210 11.05 5.68 3.05
N PRO A 211 12.38 5.69 3.11
CA PRO A 211 13.18 6.92 3.07
C PRO A 211 13.22 7.55 1.67
N ASN A 212 13.56 8.84 1.59
CA ASN A 212 13.49 9.59 0.33
C ASN A 212 14.35 9.04 -0.78
N GLU A 213 15.42 8.34 -0.42
CA GLU A 213 16.32 7.75 -1.41
C GLU A 213 15.56 6.67 -2.13
N ARG A 214 14.83 5.89 -1.36
CA ARG A 214 13.97 4.88 -1.94
C ARG A 214 12.95 5.53 -2.89
N ILE A 215 12.34 6.63 -2.47
CA ILE A 215 11.35 7.32 -3.29
C ILE A 215 12.00 7.76 -4.59
N GLU A 216 13.26 8.16 -4.49
CA GLU A 216 13.96 8.75 -5.61
C GLU A 216 14.20 7.76 -6.75
N MET A 217 14.55 6.52 -6.42
CA MET A 217 14.78 5.50 -7.44
C MET A 217 13.56 5.28 -8.31
N VAL A 218 12.40 5.35 -7.67
CA VAL A 218 11.13 5.21 -8.36
C VAL A 218 10.80 6.48 -9.17
N VAL A 219 10.85 7.63 -8.49
CA VAL A 219 10.51 8.90 -9.11
C VAL A 219 11.40 9.17 -10.32
N LYS A 220 12.63 8.65 -10.28
CA LYS A 220 13.63 8.85 -11.34
C LYS A 220 13.31 8.13 -12.65
N LYS A 221 12.55 7.05 -12.58
CA LYS A 221 12.11 6.31 -13.76
C LYS A 221 10.96 7.01 -14.47
N GLY A 222 10.48 8.11 -13.89
CA GLY A 222 9.46 8.94 -14.52
C GLY A 222 8.01 8.48 -14.45
N VAL A 223 7.68 7.65 -13.46
CA VAL A 223 6.35 7.06 -13.36
C VAL A 223 5.28 8.00 -12.78
N VAL A 224 5.68 9.12 -12.19
CA VAL A 224 4.72 9.97 -11.48
C VAL A 224 3.51 10.36 -12.37
N PRO A 225 3.75 10.77 -13.64
CA PRO A 225 2.60 11.05 -14.51
C PRO A 225 1.66 9.88 -14.77
N GLN A 226 2.20 8.67 -14.94
CA GLN A 226 1.35 7.48 -15.09
C GLN A 226 0.60 7.16 -13.80
N LEU A 227 1.20 7.43 -12.65
CA LEU A 227 0.50 7.22 -11.37
C LEU A 227 -0.69 8.14 -11.22
N VAL A 228 -0.52 9.39 -11.65
CA VAL A 228 -1.58 10.38 -11.58
C VAL A 228 -2.71 10.01 -12.55
N LYS A 229 -2.34 9.64 -13.77
CA LYS A 229 -3.33 9.16 -14.71
C LYS A 229 -4.14 7.99 -14.11
N LEU A 230 -3.47 7.09 -13.40
CA LEU A 230 -4.18 5.92 -12.87
C LEU A 230 -5.02 6.35 -11.69
N LEU A 231 -4.70 7.51 -11.12
CA LEU A 231 -5.44 8.04 -9.98
C LEU A 231 -6.88 8.36 -10.39
N GLY A 232 -7.05 8.68 -11.67
CA GLY A 232 -8.37 8.94 -12.20
C GLY A 232 -9.00 7.73 -12.86
N ALA A 233 -8.62 6.53 -12.45
CA ALA A 233 -9.27 5.33 -12.99
C ALA A 233 -10.66 5.15 -12.41
N THR A 234 -11.56 4.53 -13.17
CA THR A 234 -12.87 4.25 -12.64
C THR A 234 -12.76 3.08 -11.65
N GLU A 235 -11.91 2.10 -11.96
CA GLU A 235 -11.71 0.92 -11.11
C GLU A 235 -11.07 1.29 -9.77
N LEU A 236 -11.85 1.18 -8.71
CA LEU A 236 -11.34 1.36 -7.36
C LEU A 236 -10.12 0.48 -7.02
N PRO A 237 -10.01 -0.74 -7.59
CA PRO A 237 -8.76 -1.46 -7.29
C PRO A 237 -7.50 -0.90 -7.95
N ILE A 238 -7.63 0.03 -8.89
CA ILE A 238 -6.45 0.68 -9.43
C ILE A 238 -6.18 1.96 -8.66
N VAL A 239 -7.24 2.66 -8.31
CA VAL A 239 -7.14 3.95 -7.62
C VAL A 239 -6.60 3.78 -6.20
N THR A 240 -7.00 2.72 -5.51
CA THR A 240 -6.50 2.55 -4.14
C THR A 240 -4.95 2.45 -4.06
N PRO A 241 -4.30 1.55 -4.84
CA PRO A 241 -2.84 1.56 -4.74
C PRO A 241 -2.16 2.80 -5.36
N ALA A 242 -2.74 3.35 -6.44
CA ALA A 242 -2.21 4.57 -7.04
C ALA A 242 -2.19 5.71 -6.03
N LEU A 243 -3.28 5.86 -5.28
CA LEU A 243 -3.35 6.87 -4.22
C LEU A 243 -2.34 6.63 -3.09
N ARG A 244 -2.04 5.38 -2.80
CA ARG A 244 -1.05 5.09 -1.77
C ARG A 244 0.36 5.49 -2.23
N ALA A 245 0.70 5.13 -3.46
CA ALA A 245 2.00 5.47 -4.03
C ALA A 245 2.17 6.98 -4.08
N ILE A 246 1.14 7.70 -4.55
CA ILE A 246 1.20 9.16 -4.58
C ILE A 246 1.37 9.78 -3.18
N GLY A 247 0.65 9.25 -2.19
CA GLY A 247 0.75 9.73 -0.82
C GLY A 247 2.10 9.46 -0.20
N ASN A 248 2.73 8.35 -0.57
CA ASN A 248 4.06 8.01 -0.08
C ASN A 248 5.08 9.00 -0.62
N ILE A 249 4.95 9.26 -1.91
CA ILE A 249 5.88 10.13 -2.61
C ILE A 249 5.92 11.57 -2.00
N VAL A 250 4.80 12.09 -1.52
CA VAL A 250 4.79 13.46 -1.00
C VAL A 250 5.18 13.55 0.48
N THR A 251 5.60 12.42 1.06
CA THR A 251 6.27 12.41 2.36
C THR A 251 7.78 12.66 2.18
N GLY A 252 8.23 12.69 0.94
CA GLY A 252 9.63 12.90 0.63
C GLY A 252 10.00 14.37 0.57
N THR A 253 11.03 14.70 -0.22
CA THR A 253 11.48 16.09 -0.28
C THR A 253 10.46 17.01 -0.96
N ASP A 254 10.70 18.32 -0.90
CA ASP A 254 9.86 19.28 -1.62
C ASP A 254 9.92 19.07 -3.12
N GLU A 255 11.06 18.64 -3.62
CA GLU A 255 11.25 18.49 -5.05
C GLU A 255 10.49 17.29 -5.57
N GLN A 256 10.43 16.23 -4.76
CA GLN A 256 9.67 15.01 -5.10
C GLN A 256 8.20 15.30 -5.02
N THR A 257 7.81 16.11 -4.03
CA THR A 257 6.44 16.60 -3.92
C THR A 257 6.00 17.43 -5.13
N GLN A 258 6.86 18.33 -5.59
CA GLN A 258 6.55 19.16 -6.74
C GLN A 258 6.26 18.34 -8.00
N LYS A 259 6.96 17.22 -8.14
CA LYS A 259 6.73 16.31 -9.27
C LYS A 259 5.27 15.85 -9.35
N VAL A 260 4.66 15.63 -8.19
CA VAL A 260 3.29 15.14 -8.12
C VAL A 260 2.31 16.23 -8.55
N ILE A 261 2.52 17.42 -8.01
CA ILE A 261 1.77 18.61 -8.38
C ILE A 261 1.92 18.91 -9.88
N ASP A 262 3.14 18.86 -10.39
CA ASP A 262 3.35 19.17 -11.80
C ASP A 262 2.68 18.17 -12.73
N ALA A 263 2.51 16.95 -12.26
CA ALA A 263 1.91 15.91 -13.09
C ALA A 263 0.39 16.07 -13.19
N GLY A 264 -0.19 16.97 -12.38
CA GLY A 264 -1.62 17.26 -12.45
C GLY A 264 -2.43 16.62 -11.34
N ALA A 265 -1.75 16.16 -10.30
CA ALA A 265 -2.40 15.41 -9.25
C ALA A 265 -3.54 16.16 -8.59
N LEU A 266 -3.33 17.44 -8.32
CA LEU A 266 -4.29 18.22 -7.52
C LEU A 266 -5.67 18.35 -8.19
N ALA A 267 -5.79 18.09 -9.48
CA ALA A 267 -7.08 18.22 -10.16
C ALA A 267 -8.02 17.05 -9.88
N VAL A 268 -7.46 15.97 -9.36
CA VAL A 268 -8.23 14.75 -9.08
C VAL A 268 -8.81 14.80 -7.69
N PHE A 269 -8.28 15.71 -6.86
CA PHE A 269 -8.64 15.69 -5.45
C PHE A 269 -10.03 16.15 -5.05
N PRO A 270 -10.70 16.99 -5.86
CA PRO A 270 -12.11 17.20 -5.50
C PRO A 270 -12.91 15.91 -5.45
N SER A 271 -12.69 14.99 -6.39
CA SER A 271 -13.35 13.68 -6.35
C SER A 271 -12.88 12.85 -5.15
N LEU A 272 -11.56 12.74 -5.01
CA LEU A 272 -10.94 11.95 -3.96
C LEU A 272 -11.32 12.41 -2.54
N LEU A 273 -11.44 13.73 -2.33
CA LEU A 273 -11.84 14.25 -1.02
C LEU A 273 -13.35 14.10 -0.78
N THR A 274 -14.11 13.71 -1.80
CA THR A 274 -15.53 13.42 -1.60
C THR A 274 -15.87 11.99 -1.98
N ASN A 275 -14.84 11.18 -2.15
CA ASN A 275 -15.03 9.80 -2.57
C ASN A 275 -15.87 9.00 -1.56
N PRO A 276 -16.88 8.28 -2.07
CA PRO A 276 -17.84 7.50 -1.28
C PRO A 276 -17.20 6.35 -0.53
N LYS A 277 -16.03 5.89 -0.97
CA LYS A 277 -15.30 4.87 -0.25
C LYS A 277 -14.47 5.54 0.82
N THR A 278 -14.75 5.21 2.08
CA THR A 278 -14.15 5.88 3.23
C THR A 278 -12.62 5.88 3.29
N ASN A 279 -11.98 4.79 2.86
CA ASN A 279 -10.53 4.69 2.88
CA ASN A 279 -10.53 4.69 2.90
C ASN A 279 -9.82 5.56 1.84
N ILE A 280 -10.48 5.80 0.72
CA ILE A 280 -9.90 6.64 -0.35
C ILE A 280 -9.88 8.10 0.11
N GLN A 281 -10.99 8.50 0.73
CA GLN A 281 -11.12 9.82 1.32
C GLN A 281 -10.13 10.01 2.47
N LYS A 282 -9.81 8.95 3.21
CA LYS A 282 -8.86 9.07 4.30
C LYS A 282 -7.47 9.26 3.71
N GLU A 283 -7.10 8.41 2.75
CA GLU A 283 -5.81 8.50 2.07
C GLU A 283 -5.57 9.82 1.38
N ALA A 284 -6.63 10.38 0.81
CA ALA A 284 -6.52 11.63 0.04
C ALA A 284 -6.31 12.82 0.97
N THR A 285 -6.89 12.76 2.18
CA THR A 285 -6.73 13.85 3.12
C THR A 285 -5.35 13.82 3.80
N TRP A 286 -4.87 12.63 4.15
CA TRP A 286 -3.50 12.42 4.59
C TRP A 286 -2.52 12.97 3.57
N THR A 287 -2.77 12.65 2.30
CA THR A 287 -1.92 13.08 1.20
C THR A 287 -1.92 14.60 1.17
N MET A 288 -3.10 15.19 1.34
CA MET A 288 -3.21 16.64 1.41
C MET A 288 -2.44 17.23 2.59
N SER A 289 -2.45 16.53 3.72
CA SER A 289 -1.73 16.94 4.92
C SER A 289 -0.21 16.99 4.73
N ASN A 290 0.31 16.11 3.89
CA ASN A 290 1.75 16.15 3.61
C ASN A 290 2.07 17.23 2.59
N ILE A 291 1.09 17.60 1.79
CA ILE A 291 1.31 18.65 0.83
C ILE A 291 1.29 20.00 1.52
N THR A 292 0.45 20.18 2.53
CA THR A 292 0.38 21.47 3.20
C THR A 292 1.54 21.64 4.15
N ALA A 293 2.33 20.58 4.28
CA ALA A 293 3.52 20.62 5.10
C ALA A 293 4.71 21.07 4.27
N GLY A 294 4.52 21.21 2.97
CA GLY A 294 5.59 21.65 2.09
C GLY A 294 5.79 23.17 1.95
N ARG A 295 6.33 23.57 0.81
CA ARG A 295 6.64 24.97 0.50
C ARG A 295 5.40 25.87 0.45
N GLN A 296 5.62 27.16 0.71
CA GLN A 296 4.57 28.15 0.58
C GLN A 296 4.05 28.28 -0.85
N ASP A 297 4.90 28.12 -1.85
CA ASP A 297 4.42 28.10 -3.23
C ASP A 297 3.63 26.80 -3.51
N GLN A 298 3.82 25.80 -2.66
CA GLN A 298 3.06 24.58 -2.82
C GLN A 298 1.71 24.72 -2.12
N ILE A 299 1.69 25.36 -0.96
CA ILE A 299 0.42 25.69 -0.32
C ILE A 299 -0.44 26.51 -1.27
N GLN A 300 0.22 27.38 -2.02
CA GLN A 300 -0.48 28.26 -2.94
C GLN A 300 -1.13 27.47 -4.08
N GLN A 301 -0.60 26.31 -4.40
CA GLN A 301 -1.21 25.56 -5.49
C GLN A 301 -2.45 24.83 -5.00
N VAL A 302 -2.40 24.37 -3.75
CA VAL A 302 -3.57 23.83 -3.09
C VAL A 302 -4.68 24.90 -3.13
N VAL A 303 -4.31 26.10 -2.70
CA VAL A 303 -5.20 27.25 -2.77
C VAL A 303 -5.74 27.47 -4.19
N ASN A 304 -4.84 27.62 -5.17
CA ASN A 304 -5.22 27.92 -6.56
C ASN A 304 -6.13 26.91 -7.20
N HIS A 305 -6.10 25.67 -6.73
CA HIS A 305 -6.90 24.60 -7.29
C HIS A 305 -8.21 24.44 -6.56
N GLY A 306 -8.47 25.32 -5.61
CA GLY A 306 -9.76 25.32 -4.93
C GLY A 306 -9.94 24.18 -3.94
N LEU A 307 -8.84 23.66 -3.40
CA LEU A 307 -8.92 22.52 -2.49
C LEU A 307 -9.14 22.91 -1.05
N VAL A 308 -8.99 24.19 -0.73
CA VAL A 308 -9.22 24.61 0.67
C VAL A 308 -10.68 24.40 1.07
N PRO A 309 -11.64 24.76 0.22
CA PRO A 309 -13.03 24.44 0.63
C PRO A 309 -13.31 22.93 0.75
N PHE A 310 -12.56 22.09 0.05
CA PHE A 310 -12.72 20.65 0.23
C PHE A 310 -12.15 20.23 1.59
N LEU A 311 -11.09 20.91 2.03
CA LEU A 311 -10.55 20.59 3.34
C LEU A 311 -11.50 21.04 4.44
N VAL A 312 -12.14 22.18 4.24
CA VAL A 312 -13.14 22.65 5.18
C VAL A 312 -14.27 21.63 5.23
N GLY A 313 -14.67 21.17 4.06
CA GLY A 313 -15.65 20.10 3.94
C GLY A 313 -15.31 18.86 4.75
N VAL A 314 -14.17 18.24 4.46
CA VAL A 314 -13.70 17.07 5.19
C VAL A 314 -13.67 17.33 6.70
N LEU A 315 -13.19 18.50 7.11
CA LEU A 315 -13.19 18.82 8.54
C LEU A 315 -14.58 18.89 9.16
N SER A 316 -15.57 19.32 8.37
CA SER A 316 -16.94 19.50 8.86
C SER A 316 -17.72 18.19 9.03
N LYS A 317 -17.61 17.33 8.03
CA LYS A 317 -18.28 16.05 8.07
C LYS A 317 -17.42 15.02 7.36
N ALA A 318 -17.04 14.00 8.10
CA ALA A 318 -16.23 12.92 7.58
C ALA A 318 -16.12 11.87 8.64
N ASP A 319 -15.55 10.74 8.25
CA ASP A 319 -15.14 9.74 9.20
C ASP A 319 -14.12 10.38 10.13
N PHE A 320 -14.17 10.06 11.42
CA PHE A 320 -13.31 10.71 12.39
C PHE A 320 -11.82 10.62 12.04
N LYS A 321 -11.39 9.45 11.57
CA LYS A 321 -10.00 9.27 11.15
C LYS A 321 -9.62 10.21 10.02
N THR A 322 -10.53 10.42 9.09
CA THR A 322 -10.34 11.37 8.00
C THR A 322 -10.32 12.81 8.53
N GLN A 323 -11.14 13.08 9.54
CA GLN A 323 -11.18 14.41 10.16
C GLN A 323 -9.87 14.77 10.84
N LYS A 324 -9.24 13.78 11.48
CA LYS A 324 -7.93 13.95 12.11
C LYS A 324 -6.86 14.23 11.05
N GLU A 325 -6.99 13.59 9.89
CA GLU A 325 -6.09 13.87 8.78
C GLU A 325 -6.30 15.31 8.31
N ALA A 326 -7.55 15.77 8.40
CA ALA A 326 -7.91 17.10 7.97
C ALA A 326 -7.36 18.12 8.95
N ALA A 327 -7.43 17.81 10.24
CA ALA A 327 -6.80 18.62 11.27
C ALA A 327 -5.31 18.83 10.99
N TRP A 328 -4.58 17.73 10.77
CA TRP A 328 -3.15 17.82 10.45
C TRP A 328 -2.88 18.67 9.22
N ALA A 329 -3.64 18.47 8.15
CA ALA A 329 -3.51 19.31 6.96
C ALA A 329 -3.60 20.80 7.31
N ILE A 330 -4.51 21.14 8.23
CA ILE A 330 -4.73 22.54 8.59
C ILE A 330 -3.63 23.09 9.50
N THR A 331 -3.22 22.33 10.52
CA THR A 331 -2.08 22.74 11.34
C THR A 331 -0.83 22.92 10.48
N ASN A 332 -0.62 22.03 9.51
CA ASN A 332 0.57 22.15 8.67
C ASN A 332 0.50 23.39 7.79
N TYR A 333 -0.66 23.58 7.18
CA TYR A 333 -0.94 24.76 6.35
C TYR A 333 -0.71 26.05 7.15
N THR A 334 -1.26 26.11 8.37
CA THR A 334 -1.22 27.32 9.19
C THR A 334 0.18 27.62 9.67
N SER A 335 0.95 26.60 10.00
CA SER A 335 2.30 26.81 10.51
C SER A 335 3.26 27.28 9.42
N GLY A 336 3.11 26.76 8.20
CA GLY A 336 4.06 27.06 7.14
C GLY A 336 3.59 28.08 6.12
N GLY A 337 2.30 28.44 6.17
CA GLY A 337 1.74 29.37 5.21
C GLY A 337 2.00 30.84 5.51
N THR A 338 1.75 31.68 4.51
CA THR A 338 1.81 33.12 4.70
C THR A 338 0.58 33.64 5.42
N VAL A 339 0.60 34.93 5.74
CA VAL A 339 -0.55 35.57 6.37
C VAL A 339 -1.75 35.60 5.41
N GLU A 340 -1.52 35.98 4.16
CA GLU A 340 -2.61 36.03 3.19
C GLU A 340 -3.29 34.65 3.01
N GLN A 341 -2.49 33.58 3.05
CA GLN A 341 -3.01 32.23 2.93
C GLN A 341 -3.76 31.78 4.19
N ILE A 342 -3.27 32.17 5.37
CA ILE A 342 -4.03 31.94 6.60
C ILE A 342 -5.35 32.76 6.64
N VAL A 343 -5.30 34.01 6.21
CA VAL A 343 -6.50 34.84 6.09
C VAL A 343 -7.55 34.20 5.16
N TYR A 344 -7.09 33.71 4.01
CA TYR A 344 -7.97 33.04 3.05
C TYR A 344 -8.61 31.80 3.66
N LEU A 345 -7.81 31.02 4.40
CA LEU A 345 -8.30 29.82 5.05
C LEU A 345 -9.48 30.14 5.96
N VAL A 346 -9.35 31.20 6.74
CA VAL A 346 -10.47 31.61 7.59
C VAL A 346 -11.65 32.11 6.75
N HIS A 347 -11.37 32.84 5.67
CA HIS A 347 -12.44 33.28 4.75
C HIS A 347 -13.22 32.09 4.17
N CYS A 348 -12.59 30.92 4.09
CA CYS A 348 -13.26 29.76 3.54
C CYS A 348 -14.13 29.03 4.56
N GLY A 349 -13.97 29.36 5.85
CA GLY A 349 -14.85 28.86 6.89
C GLY A 349 -14.20 27.89 7.87
N ILE A 350 -12.90 28.02 8.10
CA ILE A 350 -12.19 27.00 8.85
C ILE A 350 -12.54 26.99 10.34
N ILE A 351 -12.92 28.13 10.90
CA ILE A 351 -12.99 28.24 12.35
C ILE A 351 -14.07 27.36 12.99
N GLU A 352 -15.31 27.46 12.50
CA GLU A 352 -16.39 26.72 13.16
C GLU A 352 -16.13 25.22 13.13
N PRO A 353 -15.87 24.63 11.95
CA PRO A 353 -15.63 23.19 11.98
C PRO A 353 -14.39 22.81 12.81
N LEU A 354 -13.43 23.72 12.90
CA LEU A 354 -12.26 23.53 13.75
C LEU A 354 -12.67 23.47 15.24
N MET A 355 -13.54 24.38 15.66
CA MET A 355 -13.97 24.44 17.06
C MET A 355 -14.84 23.27 17.49
N ASN A 356 -15.69 22.81 16.58
CA ASN A 356 -16.57 21.68 16.86
C ASN A 356 -15.78 20.43 17.15
N LEU A 357 -14.58 20.36 16.57
CA LEU A 357 -13.70 19.22 16.75
C LEU A 357 -13.00 19.26 18.11
N LEU A 358 -13.09 20.38 18.81
CA LEU A 358 -12.49 20.44 20.14
C LEU A 358 -13.25 19.53 21.09
N SER A 359 -14.52 19.28 20.76
CA SER A 359 -15.38 18.42 21.58
C SER A 359 -14.85 16.98 21.64
N ALA A 360 -14.15 16.57 20.59
CA ALA A 360 -13.77 15.17 20.41
C ALA A 360 -12.94 14.64 21.58
N LYS A 361 -13.21 13.40 21.96
CA LYS A 361 -12.45 12.74 23.03
C LYS A 361 -11.23 12.02 22.45
N ASP A 362 -10.30 12.79 21.91
CA ASP A 362 -9.00 12.28 21.46
C ASP A 362 -7.97 13.35 21.78
N THR A 363 -7.04 13.01 22.67
CA THR A 363 -6.14 14.00 23.25
C THR A 363 -5.24 14.65 22.20
N LYS A 364 -4.68 13.84 21.29
CA LYS A 364 -3.69 14.40 20.37
C LYS A 364 -4.30 15.22 19.22
N ILE A 365 -5.53 14.92 18.78
CA ILE A 365 -6.14 15.82 17.80
C ILE A 365 -6.42 17.19 18.44
N ILE A 366 -6.83 17.18 19.71
CA ILE A 366 -7.13 18.44 20.37
C ILE A 366 -5.89 19.33 20.40
N GLN A 367 -4.71 18.73 20.56
CA GLN A 367 -3.53 19.57 20.63
C GLN A 367 -3.16 20.08 19.23
N VAL A 368 -3.37 19.24 18.21
CA VAL A 368 -3.19 19.63 16.81
C VAL A 368 -4.06 20.84 16.45
N ILE A 369 -5.31 20.80 16.88
CA ILE A 369 -6.26 21.89 16.66
C ILE A 369 -5.85 23.17 17.39
N LEU A 370 -5.43 22.99 18.64
CA LEU A 370 -4.98 24.10 19.46
C LEU A 370 -3.74 24.71 18.85
N ASP A 371 -2.87 23.83 18.40
CA ASP A 371 -1.69 24.22 17.67
C ASP A 371 -2.07 25.13 16.50
N ALA A 372 -3.09 24.73 15.73
CA ALA A 372 -3.53 25.45 14.55
C ALA A 372 -4.20 26.80 14.90
N ILE A 373 -5.01 26.80 15.94
CA ILE A 373 -5.67 28.02 16.39
C ILE A 373 -4.61 29.08 16.73
N SER A 374 -3.61 28.67 17.50
CA SER A 374 -2.49 29.54 17.82
C SER A 374 -1.85 30.16 16.59
N ASN A 375 -1.56 29.33 15.57
CA ASN A 375 -0.90 29.79 14.35
C ASN A 375 -1.71 30.83 13.60
N ILE A 376 -3.03 30.75 13.75
CA ILE A 376 -3.94 31.67 13.08
C ILE A 376 -3.90 33.03 13.79
N PHE A 377 -4.02 33.01 15.11
CA PHE A 377 -3.86 34.24 15.90
C PHE A 377 -2.56 34.99 15.62
N GLN A 378 -1.48 34.23 15.42
CA GLN A 378 -0.18 34.80 15.08
C GLN A 378 -0.20 35.55 13.75
N ALA A 379 -1.01 35.08 12.83
CA ALA A 379 -1.21 35.81 11.60
C ALA A 379 -2.01 37.07 11.93
N ALA A 380 -3.00 36.92 12.80
CA ALA A 380 -3.91 38.01 13.16
C ALA A 380 -3.19 39.11 13.93
N GLU A 381 -2.18 38.74 14.72
CA GLU A 381 -1.42 39.72 15.48
C GLU A 381 -0.51 40.57 14.56
N LYS A 382 -0.10 40.00 13.42
CA LYS A 382 0.61 40.76 12.41
C LYS A 382 -0.30 41.74 11.69
N LEU A 383 -1.59 41.52 11.82
CA LEU A 383 -2.60 42.37 11.20
C LEU A 383 -3.44 43.10 12.22
N GLY A 384 -3.11 42.90 13.51
CA GLY A 384 -3.85 43.50 14.61
C GLY A 384 -5.35 43.22 14.59
N GLU A 385 -5.73 42.06 14.06
CA GLU A 385 -7.14 41.72 13.97
C GLU A 385 -7.50 40.68 15.00
N THR A 386 -6.60 40.44 15.96
CA THR A 386 -6.79 39.38 16.96
C THR A 386 -8.15 39.45 17.62
N GLU A 387 -8.61 40.67 17.88
CA GLU A 387 -9.92 40.89 18.49
C GLU A 387 -11.06 40.38 17.61
N LYS A 388 -11.10 40.82 16.34
CA LYS A 388 -12.18 40.43 15.43
C LYS A 388 -12.24 38.91 15.33
N LEU A 389 -11.06 38.30 15.40
CA LEU A 389 -10.92 36.85 15.39
C LEU A 389 -11.53 36.23 16.64
N SER A 390 -11.27 36.87 17.78
CA SER A 390 -11.78 36.41 19.07
C SER A 390 -13.29 36.31 19.03
N ILE A 391 -13.90 37.27 18.36
CA ILE A 391 -15.35 37.33 18.33
C ILE A 391 -15.90 36.23 17.44
N MET A 392 -15.31 36.03 16.28
CA MET A 392 -15.66 34.88 15.42
C MET A 392 -15.68 33.61 16.24
N ILE A 393 -14.57 33.32 16.90
CA ILE A 393 -14.43 32.13 17.72
C ILE A 393 -15.46 32.09 18.84
N GLU A 394 -15.78 33.25 19.41
CA GLU A 394 -16.72 33.28 20.52
C GLU A 394 -18.17 33.16 20.01
N GLU A 395 -18.46 33.70 18.81
CA GLU A 395 -19.80 33.57 18.22
C GLU A 395 -20.22 32.13 17.91
N CYS A 396 -19.26 31.28 17.53
CA CYS A 396 -19.57 29.91 17.12
C CYS A 396 -19.29 28.89 18.23
N GLY A 397 -19.33 29.36 19.47
CA GLY A 397 -19.18 28.47 20.61
C GLY A 397 -17.77 27.98 20.82
N GLY A 398 -16.81 28.67 20.22
CA GLY A 398 -15.42 28.23 20.27
C GLY A 398 -14.80 28.30 21.65
N LEU A 399 -15.12 29.35 22.41
CA LEU A 399 -14.57 29.52 23.77
C LEU A 399 -15.08 28.52 24.80
N ASP A 400 -16.38 28.27 24.80
CA ASP A 400 -16.96 27.26 25.68
C ASP A 400 -16.23 25.94 25.48
N LYS A 401 -15.81 25.68 24.24
CA LYS A 401 -15.04 24.50 23.92
C LYS A 401 -13.59 24.65 24.36
N ILE A 402 -13.06 25.87 24.30
CA ILE A 402 -11.68 26.12 24.70
C ILE A 402 -11.55 26.16 26.22
N GLU A 403 -12.49 26.84 26.86
CA GLU A 403 -12.48 26.94 28.32
C GLU A 403 -12.64 25.56 28.96
N ALA A 404 -13.43 24.72 28.33
CA ALA A 404 -13.71 23.38 28.85
C ALA A 404 -12.48 22.48 28.83
N LEU A 405 -11.47 22.87 28.06
CA LEU A 405 -10.29 22.03 27.90
C LEU A 405 -9.25 22.19 29.01
N GLN A 406 -9.48 23.07 29.98
CA GLN A 406 -8.59 23.12 31.13
C GLN A 406 -8.89 21.94 32.05
N ARG A 407 -10.19 21.71 32.27
CA ARG A 407 -10.68 20.53 32.97
C ARG A 407 -10.46 19.28 32.12
N HIS A 408 -9.19 18.94 31.89
CA HIS A 408 -8.82 17.92 30.92
C HIS A 408 -7.61 17.13 31.41
N GLU A 409 -7.69 15.80 31.25
CA GLU A 409 -6.65 14.86 31.67
C GLU A 409 -5.22 15.32 31.32
N ASN A 410 -5.01 15.66 30.05
CA ASN A 410 -3.74 16.17 29.59
C ASN A 410 -3.65 17.65 29.98
N GLU A 411 -2.44 18.11 30.30
CA GLU A 411 -2.29 19.52 30.64
C GLU A 411 -1.28 20.18 29.70
N SER A 412 -0.70 19.43 28.76
CA SER A 412 -0.14 20.08 27.58
C SER A 412 -1.27 20.75 26.78
N VAL A 413 -2.45 20.12 26.90
CA VAL A 413 -3.69 20.64 26.39
C VAL A 413 -4.18 21.77 27.29
N TYR A 414 -4.26 21.52 28.60
CA TYR A 414 -4.69 22.55 29.54
C TYR A 414 -3.78 23.79 29.48
N LYS A 415 -2.47 23.58 29.35
CA LYS A 415 -1.50 24.69 29.28
C LYS A 415 -1.62 25.48 27.99
N ALA A 416 -1.97 24.78 26.92
CA ALA A 416 -2.19 25.42 25.63
C ALA A 416 -3.49 26.21 25.65
N SER A 417 -4.52 25.64 26.27
CA SER A 417 -5.81 26.32 26.48
C SER A 417 -5.64 27.58 27.33
N LEU A 418 -5.04 27.38 28.50
CA LEU A 418 -4.63 28.41 29.43
C LEU A 418 -4.11 29.64 28.74
N ASN A 419 -2.94 29.50 28.11
CA ASN A 419 -2.30 30.57 27.34
C ASN A 419 -3.27 31.35 26.45
N LEU A 420 -4.11 30.62 25.70
CA LEU A 420 -5.01 31.21 24.72
C LEU A 420 -6.06 32.12 25.36
N ILE A 421 -6.63 31.69 26.47
CA ILE A 421 -7.63 32.49 27.19
C ILE A 421 -7.05 33.83 27.65
N GLU A 422 -5.88 33.79 28.28
CA GLU A 422 -5.23 35.01 28.77
C GLU A 422 -4.81 35.92 27.63
N LYS A 423 -4.04 35.36 26.71
CA LYS A 423 -3.37 36.17 25.69
C LYS A 423 -4.35 36.90 24.76
N TYR A 424 -5.44 36.24 24.38
CA TYR A 424 -6.31 36.79 23.34
C TYR A 424 -7.77 37.05 23.78
N PHE A 425 -8.09 36.82 25.05
CA PHE A 425 -9.47 37.02 25.53
C PHE A 425 -9.58 37.77 26.89
N SER A 426 -10.02 39.02 26.82
CA SER A 426 -10.25 39.90 27.98
C SER A 426 -9.03 40.08 28.87
#